data_4DZG
#
_entry.id   4DZG
#
_cell.length_a   76.259
_cell.length_b   76.259
_cell.length_c   62.443
_cell.angle_alpha   90.00
_cell.angle_beta   90.00
_cell.angle_gamma   120.00
#
_symmetry.space_group_name_H-M   'P 32 2 1'
#
loop_
_entity.id
_entity.type
_entity.pdbx_description
1 polymer PliG
2 non-polymer 'CHLORIDE ION'
3 water water
#
_entity_poly.entity_id   1
_entity_poly.type   'polypeptide(L)'
_entity_poly.pdbx_seq_one_letter_code
;(MAA)D(MLY)ITTVPVQFA(MLY)GAHSAQL(MLY)GSFTGYDTIHYTLVA(MLY)AGQTMTV(MLY)IGGSSNANFNV
FAPGAQPGQAEAIGRNDGDGQWQGALPASG(MLY)YLIQVYQMRASARRGEQVPHSLAVSIQ
;
_entity_poly.pdbx_strand_id   A
#
loop_
_chem_comp.id
_chem_comp.type
_chem_comp.name
_chem_comp.formula
CL non-polymer 'CHLORIDE ION' 'Cl -1'
#
# COMPACT_ATOMS: atom_id res chain seq x y z
N MAA A 1 4.53 14.41 15.25
CM MAA A 1 3.76 14.94 14.13
CA MAA A 1 5.81 13.88 14.79
CB MAA A 1 6.70 13.64 16.00
C MAA A 1 5.64 12.58 14.04
O MAA A 1 6.18 11.53 14.46
N ASP A 2 4.92 12.60 12.92
CA ASP A 2 4.57 11.37 12.22
C ASP A 2 5.58 11.02 11.17
N MLY A 3 5.97 9.75 11.15
CA MLY A 3 6.99 9.31 10.23
CB MLY A 3 8.03 8.44 10.96
CG MLY A 3 9.00 7.71 10.03
CD MLY A 3 10.15 7.00 10.80
CE MLY A 3 9.64 6.24 12.01
NZ MLY A 3 9.90 4.77 12.05
CH1 MLY A 3 11.02 4.40 11.19
CH2 MLY A 3 10.21 4.36 13.41
C MLY A 3 6.39 8.55 9.06
O MLY A 3 5.45 7.76 9.20
N ILE A 4 6.93 8.82 7.88
CA ILE A 4 6.61 8.05 6.69
C ILE A 4 7.89 7.38 6.22
N THR A 5 7.84 6.07 6.01
CA THR A 5 8.97 5.34 5.43
C THR A 5 8.57 4.91 4.04
N THR A 6 9.40 5.26 3.06
CA THR A 6 9.14 4.88 1.68
C THR A 6 9.92 3.63 1.30
N VAL A 7 9.21 2.64 0.77
CA VAL A 7 9.84 1.38 0.39
C VAL A 7 9.60 1.15 -1.08
N PRO A 8 10.63 1.37 -1.92
CA PRO A 8 10.47 1.11 -3.35
C PRO A 8 10.36 -0.39 -3.56
N VAL A 9 9.37 -0.84 -4.32
CA VAL A 9 9.25 -2.27 -4.63
CA VAL A 9 9.31 -2.26 -4.62
C VAL A 9 9.68 -2.50 -6.07
N GLN A 10 10.63 -3.40 -6.27
CA GLN A 10 11.07 -3.71 -7.62
C GLN A 10 10.90 -5.22 -7.78
N PHE A 11 10.10 -5.65 -8.74
CA PHE A 11 9.93 -7.09 -8.98
C PHE A 11 11.24 -7.73 -9.48
N ALA A 12 11.49 -8.96 -9.07
CA ALA A 12 12.66 -9.68 -9.56
C ALA A 12 12.55 -9.76 -11.07
N MLY A 13 13.64 -10.14 -11.72
CA MLY A 13 13.65 -10.34 -13.16
CB MLY A 13 15.03 -10.78 -13.63
CG MLY A 13 15.08 -11.35 -15.06
CD MLY A 13 16.27 -12.29 -15.26
CE MLY A 13 16.31 -12.85 -16.68
NZ MLY A 13 17.67 -12.79 -17.28
CH1 MLY A 13 18.62 -13.36 -16.31
CH2 MLY A 13 17.69 -13.66 -18.47
C MLY A 13 12.62 -11.39 -13.57
O MLY A 13 12.60 -12.50 -13.01
N GLY A 14 11.77 -11.05 -14.53
CA GLY A 14 10.77 -11.99 -15.02
C GLY A 14 9.57 -12.19 -14.12
N ALA A 15 9.55 -11.50 -12.99
CA ALA A 15 8.44 -11.62 -12.04
C ALA A 15 7.44 -10.48 -12.23
N HIS A 16 6.20 -10.70 -11.82
N HIS A 16 6.21 -10.72 -11.80
CA HIS A 16 5.18 -9.64 -11.91
CA HIS A 16 5.17 -9.71 -11.91
C HIS A 16 4.53 -9.40 -10.56
C HIS A 16 4.43 -9.63 -10.58
N SER A 17 5.16 -9.90 -9.52
CA SER A 17 4.62 -9.78 -8.17
C SER A 17 5.72 -9.87 -7.12
N ALA A 18 5.37 -9.45 -5.91
CA ALA A 18 6.24 -9.62 -4.75
C ALA A 18 5.41 -9.51 -3.50
N GLN A 19 5.93 -10.09 -2.43
CA GLN A 19 5.35 -9.93 -1.12
CA GLN A 19 5.35 -9.88 -1.10
C GLN A 19 6.35 -9.16 -0.25
N LEU A 20 5.88 -8.14 0.47
CA LEU A 20 6.70 -7.45 1.45
C LEU A 20 6.18 -7.63 2.88
N MLY A 21 7.10 -7.75 3.82
CA MLY A 21 6.75 -7.83 5.23
CB MLY A 21 7.37 -9.07 5.88
CG MLY A 21 6.76 -10.39 5.39
CD MLY A 21 7.30 -11.57 6.18
CE MLY A 21 7.04 -11.42 7.67
NZ MLY A 21 8.26 -11.68 8.50
CH1 MLY A 21 8.78 -12.99 8.10
CH2 MLY A 21 9.26 -10.68 8.12
C MLY A 21 7.25 -6.57 5.91
O MLY A 21 8.38 -6.14 5.71
N GLY A 22 6.40 -5.97 6.73
CA GLY A 22 6.77 -4.77 7.44
C GLY A 22 6.01 -4.61 8.72
N SER A 23 6.29 -3.50 9.40
CA SER A 23 5.61 -3.16 10.64
C SER A 23 5.72 -1.66 10.84
N PHE A 24 4.72 -1.08 11.49
CA PHE A 24 4.77 0.32 11.86
C PHE A 24 3.94 0.47 13.12
N THR A 25 4.12 1.59 13.82
CA THR A 25 3.46 1.81 15.09
C THR A 25 2.71 3.12 15.08
N GLY A 26 1.59 3.17 15.80
CA GLY A 26 0.83 4.40 15.94
C GLY A 26 0.45 5.04 14.62
N TYR A 27 0.82 6.31 14.48
CA TYR A 27 0.45 7.08 13.29
C TYR A 27 1.50 7.05 12.22
N ASP A 28 2.59 6.31 12.45
CA ASP A 28 3.58 6.13 11.40
C ASP A 28 2.95 5.36 10.29
N THR A 29 3.47 5.55 9.07
CA THR A 29 2.95 4.86 7.91
C THR A 29 4.08 4.44 7.00
N ILE A 30 3.75 3.57 6.06
CA ILE A 30 4.71 3.09 5.08
C ILE A 30 4.15 3.33 3.70
N HIS A 31 4.96 3.91 2.83
CA HIS A 31 4.60 4.09 1.43
C HIS A 31 5.36 3.09 0.60
N TYR A 32 4.65 2.10 0.07
CA TYR A 32 5.27 1.15 -0.85
C TYR A 32 5.07 1.67 -2.26
N THR A 33 6.16 1.82 -3.02
CA THR A 33 6.01 2.40 -4.35
C THR A 33 6.39 1.40 -5.42
N LEU A 34 5.75 1.52 -6.58
CA LEU A 34 5.83 0.52 -7.63
C LEU A 34 5.55 1.20 -8.96
N VAL A 35 6.47 1.08 -9.89
CA VAL A 35 6.30 1.65 -11.22
C VAL A 35 5.46 0.69 -12.08
N ALA A 36 4.43 1.21 -12.73
CA ALA A 36 3.58 0.37 -13.57
C ALA A 36 3.11 1.15 -14.79
N MLY A 37 2.49 0.45 -15.75
CA MLY A 37 2.00 1.09 -16.97
CB MLY A 37 2.47 0.30 -18.20
CG MLY A 37 3.94 0.52 -18.54
CD MLY A 37 4.36 -0.26 -19.77
CE MLY A 37 4.99 -1.59 -19.40
NZ MLY A 37 5.41 -2.38 -20.60
CH1 MLY A 37 6.76 -2.88 -20.33
CH2 MLY A 37 4.52 -3.54 -20.66
C MLY A 37 0.49 1.22 -17.00
O MLY A 37 -0.21 0.34 -16.51
N ALA A 38 0.00 2.32 -17.57
CA ALA A 38 -1.44 2.51 -17.74
C ALA A 38 -2.05 1.28 -18.43
N GLY A 39 -3.18 0.81 -17.93
CA GLY A 39 -3.87 -0.27 -18.61
C GLY A 39 -3.54 -1.64 -18.02
N GLN A 40 -2.46 -1.72 -17.27
CA GLN A 40 -2.15 -2.96 -16.54
C GLN A 40 -3.09 -3.09 -15.36
N THR A 41 -3.29 -4.31 -14.89
CA THR A 41 -4.13 -4.55 -13.73
C THR A 41 -3.27 -4.82 -12.51
N MET A 42 -3.47 -4.03 -11.46
CA MET A 42 -2.73 -4.23 -10.23
CA MET A 42 -2.74 -4.19 -10.21
C MET A 42 -3.62 -4.87 -9.16
N THR A 43 -3.06 -5.85 -8.48
CA THR A 43 -3.77 -6.52 -7.42
C THR A 43 -2.96 -6.32 -6.12
N VAL A 44 -3.63 -5.89 -5.08
CA VAL A 44 -2.97 -5.60 -3.81
C VAL A 44 -3.71 -6.34 -2.71
N MLY A 45 -2.96 -7.05 -1.88
CA MLY A 45 -3.55 -7.80 -0.78
CB MLY A 45 -3.61 -9.30 -1.11
CG MLY A 45 -4.15 -10.20 0.00
CD MLY A 45 -5.60 -10.61 -0.25
CE MLY A 45 -6.04 -11.73 0.68
NZ MLY A 45 -5.37 -13.05 0.41
CH1 MLY A 45 -5.80 -13.99 1.46
CH2 MLY A 45 -5.89 -13.58 -0.86
C MLY A 45 -2.72 -7.56 0.48
O MLY A 45 -1.51 -7.72 0.48
N ILE A 46 -3.39 -7.18 1.56
CA ILE A 46 -2.69 -6.95 2.82
C ILE A 46 -3.09 -8.00 3.84
N GLY A 47 -2.13 -8.49 4.62
CA GLY A 47 -2.42 -9.47 5.65
C GLY A 47 -1.65 -9.19 6.92
N GLY A 48 -1.87 -10.03 7.93
CA GLY A 48 -1.24 -9.87 9.23
C GLY A 48 -2.23 -9.17 10.16
N SER A 49 -1.77 -8.11 10.81
CA SER A 49 -2.62 -7.39 11.76
C SER A 49 -3.93 -6.90 11.13
N SER A 50 -5.04 -7.15 11.81
CA SER A 50 -6.35 -6.66 11.38
C SER A 50 -6.42 -5.13 11.34
N ASN A 51 -5.44 -4.48 11.95
CA ASN A 51 -5.41 -3.01 11.99
C ASN A 51 -4.85 -2.43 10.72
N ALA A 52 -4.23 -3.27 9.89
CA ALA A 52 -3.58 -2.81 8.66
C ALA A 52 -4.58 -2.46 7.57
N ASN A 53 -4.44 -1.28 6.98
CA ASN A 53 -5.24 -0.88 5.83
C ASN A 53 -4.34 -0.26 4.77
N PHE A 54 -4.84 -0.10 3.55
CA PHE A 54 -4.07 0.60 2.51
C PHE A 54 -4.92 1.43 1.58
N ASN A 55 -4.29 2.47 1.03
CA ASN A 55 -4.85 3.28 -0.05
C ASN A 55 -3.90 3.18 -1.23
N VAL A 56 -4.43 3.09 -2.44
CA VAL A 56 -3.56 3.09 -3.62
C VAL A 56 -3.64 4.46 -4.27
N PHE A 57 -2.49 5.09 -4.45
CA PHE A 57 -2.44 6.38 -5.09
C PHE A 57 -1.74 6.29 -6.43
N ALA A 58 -2.29 7.00 -7.41
CA ALA A 58 -1.68 7.10 -8.73
C ALA A 58 -0.45 7.98 -8.67
N PRO A 59 0.36 7.99 -9.75
CA PRO A 59 1.64 8.73 -9.72
C PRO A 59 1.48 10.21 -9.45
N GLY A 60 2.33 10.74 -8.58
CA GLY A 60 2.28 12.15 -8.24
C GLY A 60 1.35 12.45 -7.08
N ALA A 61 0.43 11.54 -6.77
CA ALA A 61 -0.57 11.83 -5.75
C ALA A 61 -0.06 11.43 -4.35
N GLN A 62 -0.17 12.35 -3.40
CA GLN A 62 0.24 12.08 -2.02
C GLN A 62 -0.96 12.04 -1.10
N PRO A 63 -0.92 11.16 -0.08
CA PRO A 63 -1.99 11.17 0.92
C PRO A 63 -2.25 12.60 1.40
N GLY A 64 -3.51 13.01 1.36
CA GLY A 64 -3.88 14.35 1.77
C GLY A 64 -4.01 15.32 0.62
N GLN A 65 -3.42 14.99 -0.53
CA GLN A 65 -3.39 15.90 -1.68
C GLN A 65 -4.35 15.51 -2.80
N ALA A 66 -4.70 14.23 -2.87
CA ALA A 66 -5.64 13.76 -3.88
C ALA A 66 -6.33 12.50 -3.40
N GLU A 67 -7.42 12.10 -4.06
CA GLU A 67 -8.10 10.87 -3.69
CA GLU A 67 -8.13 10.86 -3.73
C GLU A 67 -7.36 9.64 -4.20
N ALA A 68 -7.36 8.60 -3.38
CA ALA A 68 -6.79 7.31 -3.76
C ALA A 68 -7.65 6.73 -4.88
N ILE A 69 -7.06 5.90 -5.73
CA ILE A 69 -7.85 5.26 -6.77
C ILE A 69 -8.39 3.96 -6.23
N GLY A 70 -7.92 3.56 -5.06
CA GLY A 70 -8.39 2.31 -4.47
C GLY A 70 -7.97 2.16 -3.03
N ARG A 71 -8.58 1.18 -2.35
CA ARG A 71 -8.22 0.89 -0.97
C ARG A 71 -8.62 -0.54 -0.69
N ASN A 72 -8.19 -1.07 0.44
CA ASN A 72 -8.53 -2.44 0.78
C ASN A 72 -10.03 -2.60 1.04
N ASP A 73 -10.62 -3.66 0.50
CA ASP A 73 -11.99 -3.99 0.84
C ASP A 73 -11.98 -4.80 2.13
N GLY A 74 -13.13 -5.33 2.51
CA GLY A 74 -13.26 -6.03 3.78
C GLY A 74 -12.39 -7.27 3.89
N ASP A 75 -11.95 -7.78 2.74
CA ASP A 75 -11.10 -8.97 2.70
C ASP A 75 -9.62 -8.60 2.60
N GLY A 76 -9.30 -7.32 2.76
CA GLY A 76 -7.94 -6.84 2.72
C GLY A 76 -7.35 -6.73 1.32
N GLN A 77 -8.22 -6.60 0.32
CA GLN A 77 -7.69 -6.62 -1.06
C GLN A 77 -8.29 -5.55 -1.97
N TRP A 78 -7.58 -5.29 -3.08
CA TRP A 78 -8.05 -4.38 -4.10
C TRP A 78 -7.46 -4.80 -5.43
N GLN A 79 -8.23 -4.62 -6.49
CA GLN A 79 -7.76 -4.89 -7.83
C GLN A 79 -8.34 -3.86 -8.79
N GLY A 80 -7.51 -3.32 -9.67
CA GLY A 80 -8.01 -2.38 -10.66
C GLY A 80 -7.07 -2.16 -11.84
N ALA A 81 -7.66 -1.82 -12.97
CA ALA A 81 -6.91 -1.38 -14.15
C ALA A 81 -6.31 -0.01 -13.86
N LEU A 82 -5.02 0.17 -14.15
CA LEU A 82 -4.34 1.41 -13.79
C LEU A 82 -4.57 2.51 -14.84
N PRO A 83 -4.97 3.71 -14.39
CA PRO A 83 -5.34 4.75 -15.37
C PRO A 83 -4.10 5.44 -15.96
N ALA A 84 -2.98 5.31 -15.28
CA ALA A 84 -1.79 6.11 -15.59
C ALA A 84 -0.52 5.28 -15.51
N SER A 85 0.50 5.70 -16.24
CA SER A 85 1.81 5.07 -16.15
CA SER A 85 1.83 5.09 -16.18
C SER A 85 2.67 5.85 -15.17
N GLY A 86 3.51 5.15 -14.42
CA GLY A 86 4.43 5.81 -13.52
C GLY A 86 4.49 5.12 -12.17
N MLY A 87 4.99 5.85 -11.17
CA MLY A 87 5.24 5.27 -9.87
CB MLY A 87 6.45 5.96 -9.23
CG MLY A 87 6.75 5.48 -7.83
CD MLY A 87 8.14 5.97 -7.36
CE MLY A 87 8.19 7.49 -7.28
NZ MLY A 87 9.48 7.99 -6.69
CH1 MLY A 87 10.52 7.87 -7.72
CH2 MLY A 87 9.29 9.44 -6.44
C MLY A 87 4.02 5.37 -8.96
O MLY A 87 3.67 6.45 -8.51
N TYR A 88 3.38 4.24 -8.73
CA TYR A 88 2.22 4.19 -7.85
C TYR A 88 2.66 4.15 -6.41
N LEU A 89 1.77 4.50 -5.51
CA LEU A 89 2.09 4.57 -4.09
C LEU A 89 1.00 3.84 -3.34
N ILE A 90 1.39 2.82 -2.59
CA ILE A 90 0.46 2.14 -1.71
C ILE A 90 0.75 2.55 -0.28
N GLN A 91 -0.18 3.33 0.29
CA GLN A 91 -0.03 3.84 1.65
C GLN A 91 -0.64 2.86 2.62
N VAL A 92 0.20 2.33 3.51
CA VAL A 92 -0.26 1.41 4.54
C VAL A 92 -0.30 2.15 5.87
N TYR A 93 -1.41 2.00 6.57
CA TYR A 93 -1.65 2.83 7.75
C TYR A 93 -2.66 2.07 8.62
N GLN A 94 -2.89 2.56 9.84
CA GLN A 94 -4.01 2.05 10.63
C GLN A 94 -4.93 3.21 10.99
N MET A 95 -6.16 2.90 11.36
CA MET A 95 -7.11 3.96 11.63
CA MET A 95 -7.15 3.93 11.66
C MET A 95 -6.85 4.62 12.99
N ARG A 96 -7.54 5.73 13.23
N ARG A 96 -7.52 5.74 13.23
CA ARG A 96 -7.24 6.60 14.38
CA ARG A 96 -7.21 6.59 14.38
C ARG A 96 -7.29 5.89 15.73
C ARG A 96 -7.28 5.89 15.74
N ALA A 97 -8.34 5.12 15.97
CA ALA A 97 -8.53 4.47 17.29
C ALA A 97 -7.29 3.66 17.70
N SER A 98 -6.85 2.75 16.83
CA SER A 98 -5.71 1.92 17.15
C SER A 98 -4.37 2.67 17.02
N ALA A 99 -4.31 3.64 16.11
CA ALA A 99 -3.14 4.52 16.05
C ALA A 99 -2.97 5.22 17.39
N ARG A 100 -4.08 5.73 17.90
N ARG A 100 -4.07 5.74 17.93
CA ARG A 100 -4.13 6.45 19.18
CA ARG A 100 -4.04 6.48 19.19
C ARG A 100 -3.64 5.56 20.32
C ARG A 100 -3.69 5.58 20.38
N ARG A 101 -3.98 4.28 20.27
CA ARG A 101 -3.61 3.34 21.34
C ARG A 101 -2.14 2.94 21.19
N GLY A 102 -1.52 3.37 20.09
CA GLY A 102 -0.11 3.08 19.82
C GLY A 102 0.16 1.65 19.40
N GLU A 103 -0.83 1.00 18.78
CA GLU A 103 -0.70 -0.39 18.39
C GLU A 103 0.40 -0.56 17.33
N GLN A 104 1.13 -1.67 17.41
N GLN A 104 1.13 -1.67 17.43
CA GLN A 104 2.08 -2.05 16.37
CA GLN A 104 2.07 -2.08 16.39
C GLN A 104 1.38 -2.90 15.32
C GLN A 104 1.32 -2.84 15.32
N VAL A 105 1.71 -2.64 14.06
CA VAL A 105 0.99 -3.24 12.94
C VAL A 105 1.90 -4.03 12.01
N PRO A 106 2.25 -5.26 12.42
CA PRO A 106 3.02 -6.13 11.52
C PRO A 106 2.09 -6.51 10.39
N HIS A 107 2.60 -6.56 9.17
CA HIS A 107 1.72 -6.83 8.03
C HIS A 107 2.54 -7.40 6.90
N SER A 108 1.82 -8.02 5.97
CA SER A 108 2.40 -8.45 4.72
CA SER A 108 2.38 -8.47 4.71
C SER A 108 1.62 -7.78 3.60
N LEU A 109 2.33 -7.26 2.60
CA LEU A 109 1.68 -6.64 1.45
C LEU A 109 2.07 -7.42 0.21
N ALA A 110 1.08 -8.03 -0.43
CA ALA A 110 1.31 -8.75 -1.68
C ALA A 110 0.84 -7.88 -2.83
N VAL A 111 1.73 -7.59 -3.77
CA VAL A 111 1.35 -6.78 -4.92
CA VAL A 111 1.35 -6.78 -4.94
C VAL A 111 1.74 -7.49 -6.22
N SER A 112 0.86 -7.43 -7.21
CA SER A 112 1.15 -8.01 -8.51
C SER A 112 0.60 -7.10 -9.60
N ILE A 113 1.23 -7.16 -10.76
CA ILE A 113 0.85 -6.32 -11.89
C ILE A 113 0.82 -7.19 -13.13
N GLN A 114 -0.28 -7.13 -13.87
CA GLN A 114 -0.38 -7.90 -15.10
C GLN A 114 -1.14 -7.16 -16.18
CL CL B . -4.68 -7.58 15.57
#